data_4UCS
#
_entry.id   4UCS
#
_cell.length_a   136.077
_cell.length_b   136.077
_cell.length_c   55.951
_cell.angle_alpha   90.00
_cell.angle_beta   90.00
_cell.angle_gamma   90.00
#
_symmetry.space_group_name_H-M   'P 43 21 2'
#
loop_
_entity.id
_entity.type
_entity.pdbx_description
1 polymer 'DNA LIGASE'
2 non-polymer 1-(2,4-dimethylbenzyl)-6-oxo-1,6-dihydropyridine-3-carboxamide
3 non-polymer 5-amino-3-(furan-2-yl)-1H-1,2,4-triazole-1-carboxamide
4 water water
#
_entity_poly.entity_id   1
_entity_poly.type   'polypeptide(L)'
_entity_poly.pdbx_seq_one_letter_code
;MTNIQTQLDNLRKTLRQYEYEYHVLDNPSVPDSEYDRLFHQLKALELEHPEFLTSDSPTQRVGAKPLSGFSQIRHEIPML
SLDNAFSDAEFNAFVKRIEDRLILLPKPLTFCCEPKLDGLAVSILYVNGELTQAATRGDGTTGEDITANIRTIRNVPLQL
LTDNPPARLEVRGEVFMPHAGFERLNKYALEHNEKTFANPRNAAAGSLRQLDPNITSKRPLVLNAYGIGIAEGVDLPTTH
YARLQWLKSIGIPVNPEIRLCNGADEVLGFYRDIQNKRSSLGYDIDGTVLKINDIALQNELGFISKAPRWAIAYKFPAQE
ELTL
;
_entity_poly.pdbx_strand_id   A
#
# COMPACT_ATOMS: atom_id res chain seq x y z
N MET A 1 -6.02 10.27 36.35
CA MET A 1 -6.06 8.87 35.92
C MET A 1 -7.38 8.20 36.33
N THR A 2 -7.96 7.37 35.43
CA THR A 2 -9.13 6.60 35.77
C THR A 2 -8.90 5.20 35.29
N ASN A 3 -9.56 4.25 35.93
CA ASN A 3 -9.40 2.88 35.49
C ASN A 3 -9.99 2.66 34.07
N ILE A 4 -11.06 3.38 33.69
CA ILE A 4 -11.65 3.25 32.34
C ILE A 4 -10.67 3.72 31.27
N GLN A 5 -10.04 4.88 31.48
CA GLN A 5 -9.06 5.41 30.52
C GLN A 5 -7.90 4.44 30.34
N THR A 6 -7.42 3.83 31.43
CA THR A 6 -6.32 2.88 31.36
C THR A 6 -6.72 1.60 30.61
N GLN A 7 -7.90 1.09 30.87
CA GLN A 7 -8.39 -0.11 30.20
C GLN A 7 -8.53 0.13 28.71
N LEU A 8 -9.06 1.30 28.31
CA LEU A 8 -9.21 1.68 26.90
C LEU A 8 -7.86 1.78 26.24
N ASP A 9 -6.90 2.44 26.89
CA ASP A 9 -5.55 2.55 26.34
C ASP A 9 -4.90 1.19 26.16
N ASN A 10 -5.02 0.31 27.15
CA ASN A 10 -4.42 -1.03 27.14
C ASN A 10 -5.04 -1.88 26.02
N LEU A 11 -6.35 -1.86 25.93
CA LEU A 11 -7.05 -2.60 24.85
C LEU A 11 -6.64 -2.12 23.47
N ARG A 12 -6.58 -0.80 23.28
CA ARG A 12 -6.15 -0.26 21.98
C ARG A 12 -4.72 -0.68 21.61
N LYS A 13 -3.77 -0.57 22.55
CA LYS A 13 -2.39 -1.02 22.29
C LYS A 13 -2.32 -2.48 21.91
N THR A 14 -3.03 -3.31 22.67
CA THR A 14 -2.99 -4.77 22.48
C THR A 14 -3.60 -5.12 21.13
N LEU A 15 -4.73 -4.50 20.82
CA LEU A 15 -5.39 -4.76 19.54
C LEU A 15 -4.56 -4.31 18.35
N ARG A 16 -3.90 -3.14 18.44
CA ARG A 16 -3.09 -2.66 17.31
C ARG A 16 -1.92 -3.57 17.09
N GLN A 17 -1.35 -4.11 18.18
CA GLN A 17 -0.24 -5.07 18.11
C GLN A 17 -0.71 -6.38 17.49
N TYR A 18 -1.86 -6.91 17.90
CA TYR A 18 -2.38 -8.11 17.26
C TYR A 18 -2.69 -7.91 15.76
N GLU A 19 -3.21 -6.74 15.37
CA GLU A 19 -3.47 -6.39 13.97
C GLU A 19 -2.17 -6.39 13.17
N TYR A 20 -1.10 -5.88 13.77
CA TYR A 20 0.23 -5.90 13.15
C TYR A 20 0.72 -7.32 12.92
N GLU A 21 0.62 -8.17 13.95
CA GLU A 21 1.06 -9.58 13.83
C GLU A 21 0.25 -10.34 12.79
N TYR A 22 -1.05 -10.15 12.80
CA TYR A 22 -1.94 -10.85 11.88
C TYR A 22 -1.79 -10.39 10.44
N HIS A 23 -1.84 -9.08 10.24
CA HIS A 23 -1.84 -8.47 8.90
C HIS A 23 -0.47 -8.22 8.29
N VAL A 24 0.48 -7.69 9.05
CA VAL A 24 1.79 -7.35 8.50
C VAL A 24 2.79 -8.49 8.60
N LEU A 25 2.87 -9.18 9.76
CA LEU A 25 3.81 -10.28 9.96
C LEU A 25 3.28 -11.61 9.49
N ASP A 26 1.94 -11.73 9.34
CA ASP A 26 1.31 -13.01 9.01
C ASP A 26 1.74 -14.06 10.07
N ASN A 27 1.81 -13.63 11.33
CA ASN A 27 2.25 -14.48 12.42
C ASN A 27 1.54 -14.07 13.71
N PRO A 28 0.21 -14.28 13.77
CA PRO A 28 -0.54 -13.85 14.95
C PRO A 28 -0.16 -14.62 16.21
N SER A 29 0.01 -13.93 17.33
CA SER A 29 0.36 -14.57 18.60
C SER A 29 -0.86 -15.14 19.31
N VAL A 30 -2.08 -14.69 18.93
CA VAL A 30 -3.29 -15.22 19.54
C VAL A 30 -4.29 -15.67 18.49
N PRO A 31 -5.28 -16.50 18.86
CA PRO A 31 -6.32 -16.87 17.89
C PRO A 31 -7.26 -15.71 17.56
N ASP A 32 -7.93 -15.79 16.41
CA ASP A 32 -8.89 -14.78 15.97
C ASP A 32 -9.96 -14.52 17.04
N SER A 33 -10.42 -15.58 17.75
CA SER A 33 -11.42 -15.46 18.83
C SER A 33 -10.93 -14.57 19.96
N GLU A 34 -9.65 -14.63 20.30
CA GLU A 34 -9.10 -13.81 21.37
C GLU A 34 -9.04 -12.35 20.93
N TYR A 35 -8.61 -12.11 19.71
CA TYR A 35 -8.58 -10.79 19.15
C TYR A 35 -10.03 -10.22 19.19
N ASP A 36 -11.01 -11.00 18.75
CA ASP A 36 -12.39 -10.51 18.75
C ASP A 36 -12.93 -10.25 20.15
N ARG A 37 -12.60 -11.11 21.13
N ARG A 37 -12.56 -11.11 21.12
CA ARG A 37 -13.03 -10.88 22.52
CA ARG A 37 -12.93 -10.97 22.52
C ARG A 37 -12.61 -9.48 22.95
C ARG A 37 -12.55 -9.58 23.04
N LEU A 38 -11.32 -9.16 22.76
CA LEU A 38 -10.83 -7.84 23.18
C LEU A 38 -11.45 -6.72 22.32
N PHE A 39 -11.69 -7.00 21.05
CA PHE A 39 -12.26 -6.03 20.16
C PHE A 39 -13.65 -5.62 20.61
N HIS A 40 -14.56 -6.55 20.89
N HIS A 40 -14.55 -6.60 20.95
CA HIS A 40 -15.91 -6.13 21.23
CA HIS A 40 -15.92 -6.26 21.37
C HIS A 40 -15.99 -5.74 22.74
C HIS A 40 -15.91 -5.64 22.74
N GLN A 41 -14.96 -6.05 23.57
CA GLN A 41 -14.83 -5.49 24.92
C GLN A 41 -14.51 -3.99 24.78
N LEU A 42 -13.56 -3.62 23.90
CA LEU A 42 -13.24 -2.23 23.64
C LEU A 42 -14.45 -1.46 23.11
N LYS A 43 -15.12 -2.05 22.12
CA LYS A 43 -16.25 -1.40 21.50
C LYS A 43 -17.37 -1.08 22.52
N ALA A 44 -17.69 -2.02 23.39
CA ALA A 44 -18.70 -1.82 24.41
C ALA A 44 -18.29 -0.78 25.46
N LEU A 45 -17.04 -0.83 25.92
CA LEU A 45 -16.58 0.14 26.92
C LEU A 45 -16.60 1.56 26.36
N GLU A 46 -16.17 1.74 25.11
CA GLU A 46 -16.23 3.06 24.48
C GLU A 46 -17.67 3.58 24.40
N LEU A 47 -18.61 2.71 24.04
CA LEU A 47 -20.02 3.11 23.90
C LEU A 47 -20.65 3.44 25.28
N GLU A 48 -20.18 2.80 26.35
CA GLU A 48 -20.64 3.12 27.72
C GLU A 48 -19.93 4.37 28.27
N HIS A 49 -18.82 4.82 27.66
CA HIS A 49 -18.05 5.99 28.10
C HIS A 49 -17.58 6.75 26.90
N PRO A 50 -18.55 7.34 26.16
CA PRO A 50 -18.21 7.98 24.88
C PRO A 50 -17.29 9.20 24.91
N GLU A 51 -17.08 9.79 26.09
CA GLU A 51 -16.14 10.90 26.24
C GLU A 51 -14.69 10.46 25.93
N PHE A 52 -14.39 9.18 26.06
CA PHE A 52 -13.08 8.59 25.79
C PHE A 52 -12.97 7.89 24.42
N LEU A 53 -13.93 8.07 23.53
CA LEU A 53 -13.88 7.45 22.20
C LEU A 53 -12.95 8.28 21.31
N THR A 54 -11.95 7.64 20.65
CA THR A 54 -11.00 8.33 19.77
C THR A 54 -11.30 7.93 18.34
N SER A 55 -10.98 8.83 17.40
CA SER A 55 -11.27 8.65 15.99
C SER A 55 -10.37 7.60 15.34
N ASP A 56 -9.20 7.32 15.92
CA ASP A 56 -8.26 6.32 15.39
C ASP A 56 -8.29 5.03 16.20
N SER A 57 -9.30 4.83 17.01
CA SER A 57 -9.44 3.60 17.77
C SER A 57 -9.69 2.46 16.76
N PRO A 58 -9.21 1.22 17.05
CA PRO A 58 -9.49 0.08 16.15
C PRO A 58 -10.98 -0.17 15.82
N THR A 59 -11.91 0.33 16.66
CA THR A 59 -13.36 0.16 16.46
C THR A 59 -14.01 1.18 15.53
N GLN A 60 -13.26 2.18 15.07
CA GLN A 60 -13.80 3.31 14.31
C GLN A 60 -13.38 3.32 12.84
N ARG A 61 -13.27 2.15 12.20
CA ARG A 61 -12.85 2.12 10.81
C ARG A 61 -13.96 2.50 9.86
N VAL A 62 -15.22 2.32 10.26
CA VAL A 62 -16.34 2.53 9.30
C VAL A 62 -17.20 3.74 9.63
N GLY A 63 -17.13 4.79 8.81
CA GLY A 63 -18.00 5.95 8.97
C GLY A 63 -19.44 5.52 8.76
N ALA A 64 -20.28 5.62 9.82
CA ALA A 64 -21.71 5.19 9.83
C ALA A 64 -22.64 5.78 8.74
N LYS A 65 -22.13 6.80 8.01
CA LYS A 65 -22.85 7.54 6.98
C LYS A 65 -22.16 7.51 5.60
N PRO A 66 -22.93 7.22 4.51
CA PRO A 66 -22.37 7.37 3.16
C PRO A 66 -22.12 8.83 2.81
N LEU A 67 -21.19 9.07 1.87
CA LEU A 67 -20.85 10.42 1.42
C LEU A 67 -21.79 10.83 0.26
N SER A 68 -21.71 12.11 -0.13
CA SER A 68 -22.50 12.68 -1.23
C SER A 68 -21.74 12.54 -2.56
N GLY A 69 -20.44 12.79 -2.50
CA GLY A 69 -19.53 12.68 -3.64
C GLY A 69 -18.08 12.73 -3.17
N PHE A 70 -17.14 12.40 -4.07
CA PHE A 70 -15.72 12.44 -3.71
C PHE A 70 -15.14 13.83 -3.99
N SER A 71 -14.38 14.37 -3.04
CA SER A 71 -13.66 15.62 -3.23
C SER A 71 -12.37 15.30 -3.99
N GLN A 72 -11.74 16.32 -4.61
CA GLN A 72 -10.49 16.15 -5.35
C GLN A 72 -9.31 16.60 -4.51
N ILE A 73 -8.18 15.87 -4.62
CA ILE A 73 -6.95 16.17 -3.88
C ILE A 73 -5.84 16.32 -4.86
N ARG A 74 -5.08 17.41 -4.76
CA ARG A 74 -3.94 17.64 -5.61
C ARG A 74 -2.74 17.10 -4.84
N HIS A 75 -2.00 16.14 -5.41
CA HIS A 75 -0.85 15.56 -4.71
C HIS A 75 0.22 16.64 -4.58
N GLU A 76 0.90 16.68 -3.43
CA GLU A 76 1.98 17.65 -3.27
C GLU A 76 3.18 17.31 -4.12
N ILE A 77 3.45 16.00 -4.28
CA ILE A 77 4.56 15.45 -5.05
C ILE A 77 3.88 14.64 -6.15
N PRO A 78 4.24 14.75 -7.45
CA PRO A 78 3.54 13.92 -8.46
C PRO A 78 3.61 12.40 -8.14
N MET A 79 2.53 11.70 -8.44
CA MET A 79 2.43 10.27 -8.23
C MET A 79 2.64 9.62 -9.57
N LEU A 80 3.65 8.80 -9.66
CA LEU A 80 4.12 8.22 -10.91
C LEU A 80 3.44 6.92 -11.31
N SER A 81 3.41 6.68 -12.61
CA SER A 81 2.98 5.42 -13.21
C SER A 81 4.27 4.80 -13.74
N LEU A 82 4.19 3.67 -14.41
CA LEU A 82 5.38 2.98 -14.88
C LEU A 82 5.35 2.79 -16.34
N ASP A 83 6.53 2.89 -16.94
CA ASP A 83 6.74 2.50 -18.31
C ASP A 83 6.88 0.97 -18.22
N ASN A 84 6.77 0.27 -19.35
CA ASN A 84 6.79 -1.18 -19.37
C ASN A 84 7.69 -1.78 -20.41
N ALA A 85 7.93 -3.09 -20.25
CA ALA A 85 8.74 -3.89 -21.16
C ALA A 85 8.05 -5.22 -21.36
N PHE A 86 8.24 -5.81 -22.56
CA PHE A 86 7.54 -7.06 -22.91
C PHE A 86 8.46 -8.21 -23.22
N SER A 87 9.77 -8.06 -23.02
CA SER A 87 10.69 -9.16 -23.32
C SER A 87 12.03 -8.94 -22.65
N ASP A 88 12.86 -9.98 -22.57
CA ASP A 88 14.19 -9.88 -21.97
C ASP A 88 15.04 -8.84 -22.71
N ALA A 89 14.99 -8.89 -24.04
CA ALA A 89 15.75 -7.95 -24.87
C ALA A 89 15.33 -6.50 -24.59
N GLU A 90 14.02 -6.23 -24.49
CA GLU A 90 13.52 -4.88 -24.19
C GLU A 90 13.96 -4.45 -22.80
N PHE A 91 13.86 -5.36 -21.81
CA PHE A 91 14.34 -5.07 -20.45
C PHE A 91 15.83 -4.78 -20.46
N ASN A 92 16.61 -5.57 -21.19
CA ASN A 92 18.06 -5.32 -21.29
C ASN A 92 18.39 -3.96 -21.89
N ALA A 93 17.58 -3.52 -22.87
CA ALA A 93 17.73 -2.19 -23.50
C ALA A 93 17.50 -1.08 -22.46
N PHE A 94 16.47 -1.25 -21.60
CA PHE A 94 16.22 -0.32 -20.48
C PHE A 94 17.43 -0.26 -19.53
N VAL A 95 18.05 -1.41 -19.20
CA VAL A 95 19.20 -1.40 -18.30
C VAL A 95 20.41 -0.74 -19.00
N LYS A 96 20.67 -1.12 -20.25
CA LYS A 96 21.79 -0.57 -21.04
C LYS A 96 21.70 0.96 -21.10
N ARG A 97 20.48 1.48 -21.28
CA ARG A 97 20.20 2.92 -21.30
C ARG A 97 20.64 3.58 -19.99
N ILE A 98 20.27 2.99 -18.85
CA ILE A 98 20.64 3.49 -17.52
C ILE A 98 22.14 3.46 -17.34
N GLU A 99 22.76 2.34 -17.70
CA GLU A 99 24.22 2.18 -17.56
C GLU A 99 24.96 3.27 -18.32
N ASP A 100 24.53 3.60 -19.54
N ASP A 100 24.49 3.57 -19.55
CA ASP A 100 25.21 4.67 -20.24
CA ASP A 100 25.02 4.60 -20.45
C ASP A 100 24.86 6.04 -19.65
C ASP A 100 24.78 6.02 -19.91
N ARG A 101 23.58 6.27 -19.33
CA ARG A 101 23.15 7.57 -18.81
C ARG A 101 23.77 7.99 -17.49
N LEU A 102 24.00 7.04 -16.55
CA LEU A 102 24.56 7.40 -15.23
C LEU A 102 25.96 7.99 -15.34
N ILE A 103 26.22 9.01 -14.50
CA ILE A 103 27.52 9.66 -14.39
C ILE A 103 28.56 8.59 -14.03
N LEU A 104 28.26 7.83 -12.95
CA LEU A 104 29.11 6.75 -12.46
C LEU A 104 28.24 5.49 -12.27
N LEU A 105 28.51 4.43 -13.04
CA LEU A 105 27.78 3.17 -12.96
C LEU A 105 28.35 2.32 -11.82
N PRO A 106 27.60 2.02 -10.72
CA PRO A 106 28.20 1.18 -9.67
C PRO A 106 28.36 -0.27 -10.06
N LYS A 107 29.26 -0.95 -9.35
CA LYS A 107 29.57 -2.36 -9.53
C LYS A 107 29.27 -2.99 -8.14
N PRO A 108 28.13 -3.68 -7.96
CA PRO A 108 27.09 -4.02 -8.94
C PRO A 108 26.00 -2.96 -9.04
N LEU A 109 25.08 -3.09 -10.02
CA LEU A 109 23.94 -2.19 -10.13
C LEU A 109 22.79 -2.96 -9.48
N THR A 110 22.39 -2.53 -8.28
CA THR A 110 21.36 -3.26 -7.52
C THR A 110 19.94 -2.78 -7.79
N PHE A 111 19.04 -3.75 -8.01
CA PHE A 111 17.63 -3.51 -8.23
C PHE A 111 16.78 -4.07 -7.09
N CYS A 112 15.73 -3.35 -6.73
CA CYS A 112 14.69 -3.82 -5.81
C CYS A 112 13.62 -4.35 -6.72
N CYS A 113 13.34 -5.65 -6.63
CA CYS A 113 12.41 -6.34 -7.51
C CYS A 113 11.16 -6.73 -6.79
N GLU A 114 10.02 -6.34 -7.34
CA GLU A 114 8.74 -6.51 -6.72
C GLU A 114 7.77 -7.14 -7.67
N PRO A 115 6.77 -7.89 -7.15
CA PRO A 115 5.66 -8.32 -8.03
C PRO A 115 4.86 -7.09 -8.41
N LYS A 116 4.29 -7.09 -9.61
CA LYS A 116 3.45 -5.97 -10.02
C LYS A 116 2.01 -6.32 -9.71
N LEU A 117 1.50 -5.76 -8.63
CA LEU A 117 0.13 -5.98 -8.18
C LEU A 117 -0.82 -5.28 -9.14
N ASP A 118 -1.86 -5.98 -9.54
CA ASP A 118 -2.90 -5.50 -10.47
C ASP A 118 -4.09 -4.91 -9.69
N GLY A 119 -3.91 -3.77 -9.05
CA GLY A 119 -4.98 -3.15 -8.27
C GLY A 119 -5.11 -1.68 -8.56
N LEU A 120 -5.40 -0.86 -7.51
CA LEU A 120 -5.50 0.60 -7.64
C LEU A 120 -4.46 1.27 -6.78
N ALA A 121 -3.75 2.23 -7.38
CA ALA A 121 -2.68 2.96 -6.71
C ALA A 121 -3.28 4.02 -5.81
N VAL A 122 -2.76 4.13 -4.59
CA VAL A 122 -3.28 5.07 -3.59
C VAL A 122 -2.14 5.76 -2.84
N SER A 123 -2.47 6.87 -2.25
CA SER A 123 -1.56 7.68 -1.42
C SER A 123 -2.24 7.82 -0.06
N ILE A 124 -1.54 7.49 1.04
CA ILE A 124 -2.12 7.55 2.36
C ILE A 124 -1.20 8.42 3.22
N LEU A 125 -1.74 9.51 3.76
CA LEU A 125 -0.98 10.47 4.56
C LEU A 125 -1.16 10.22 6.05
N TYR A 126 -0.04 10.13 6.78
CA TYR A 126 -0.03 10.00 8.23
C TYR A 126 0.56 11.29 8.78
N VAL A 127 -0.18 12.01 9.62
CA VAL A 127 0.35 13.26 10.25
C VAL A 127 0.61 12.95 11.72
N ASN A 128 1.88 13.04 12.18
CA ASN A 128 2.24 12.67 13.56
C ASN A 128 1.72 11.29 13.90
N GLY A 129 1.87 10.40 12.94
CA GLY A 129 1.46 9.00 13.06
C GLY A 129 0.00 8.68 12.83
N GLU A 130 -0.89 9.67 12.67
CA GLU A 130 -2.31 9.41 12.48
C GLU A 130 -2.73 9.46 11.01
N LEU A 131 -3.54 8.50 10.59
CA LEU A 131 -4.03 8.49 9.21
C LEU A 131 -4.98 9.65 9.05
N THR A 132 -4.64 10.68 8.24
CA THR A 132 -5.55 11.84 8.08
C THR A 132 -6.21 11.89 6.74
N GLN A 133 -5.55 11.41 5.70
CA GLN A 133 -6.09 11.53 4.36
C GLN A 133 -5.60 10.41 3.45
N ALA A 134 -6.42 10.06 2.48
CA ALA A 134 -6.03 9.09 1.47
C ALA A 134 -6.62 9.48 0.11
N ALA A 135 -5.83 9.34 -0.95
CA ALA A 135 -6.24 9.69 -2.30
C ALA A 135 -5.87 8.64 -3.33
N THR A 136 -6.65 8.56 -4.41
CA THR A 136 -6.31 7.71 -5.55
C THR A 136 -5.21 8.44 -6.31
N ARG A 137 -4.46 7.71 -7.15
N ARG A 137 -4.45 7.70 -7.16
CA ARG A 137 -3.41 8.28 -7.98
CA ARG A 137 -3.39 8.31 -7.98
C ARG A 137 -4.00 9.31 -8.96
C ARG A 137 -4.02 9.34 -8.95
N GLY A 138 -5.15 8.97 -9.54
CA GLY A 138 -5.84 9.80 -10.51
C GLY A 138 -5.00 9.93 -11.77
N ASP A 139 -4.65 11.15 -12.15
CA ASP A 139 -3.82 11.41 -13.34
C ASP A 139 -2.34 11.62 -12.95
N GLY A 140 -1.99 11.41 -11.67
CA GLY A 140 -0.65 11.63 -11.17
C GLY A 140 -0.49 13.00 -10.53
N THR A 141 -1.41 13.95 -10.82
CA THR A 141 -1.39 15.31 -10.26
C THR A 141 -2.54 15.48 -9.30
N THR A 142 -3.74 15.04 -9.71
CA THR A 142 -4.94 15.14 -8.89
C THR A 142 -5.61 13.79 -8.84
N GLY A 143 -6.14 13.46 -7.67
CA GLY A 143 -6.91 12.24 -7.45
C GLY A 143 -8.13 12.53 -6.61
N GLU A 144 -8.87 11.48 -6.25
CA GLU A 144 -10.07 11.58 -5.45
C GLU A 144 -9.80 11.25 -4.00
N ASP A 145 -10.47 11.91 -3.09
CA ASP A 145 -10.39 11.68 -1.65
C ASP A 145 -11.16 10.40 -1.32
N ILE A 146 -10.42 9.34 -0.95
CA ILE A 146 -10.99 8.05 -0.57
C ILE A 146 -10.65 7.68 0.86
N THR A 147 -10.37 8.70 1.72
CA THR A 147 -10.03 8.51 3.12
C THR A 147 -10.94 7.56 3.85
N ALA A 148 -12.24 7.79 3.77
CA ALA A 148 -13.22 6.95 4.44
C ALA A 148 -13.20 5.50 3.99
N ASN A 149 -12.95 5.26 2.72
CA ASN A 149 -12.90 3.89 2.19
C ASN A 149 -11.58 3.20 2.60
N ILE A 150 -10.47 3.93 2.57
CA ILE A 150 -9.16 3.38 2.95
C ILE A 150 -9.16 2.99 4.44
N ARG A 151 -9.84 3.78 5.31
CA ARG A 151 -9.93 3.46 6.74
C ARG A 151 -10.57 2.10 6.99
N THR A 152 -11.44 1.61 6.08
CA THR A 152 -12.09 0.31 6.27
C THR A 152 -11.16 -0.89 6.04
N ILE A 153 -10.04 -0.70 5.36
CA ILE A 153 -9.14 -1.78 4.96
C ILE A 153 -8.45 -2.30 6.21
N ARG A 154 -8.67 -3.57 6.52
CA ARG A 154 -8.20 -4.16 7.77
C ARG A 154 -6.69 -4.08 7.99
N ASN A 155 -5.89 -4.21 6.92
CA ASN A 155 -4.43 -4.19 7.07
C ASN A 155 -3.82 -2.79 6.96
N VAL A 156 -4.64 -1.73 6.92
CA VAL A 156 -4.17 -0.36 6.91
C VAL A 156 -4.27 0.12 8.32
N PRO A 157 -3.15 0.43 8.97
CA PRO A 157 -3.23 0.94 10.33
C PRO A 157 -3.80 2.37 10.38
N LEU A 158 -4.64 2.64 11.34
CA LEU A 158 -5.17 4.00 11.57
C LEU A 158 -4.09 4.86 12.26
N GLN A 159 -3.14 4.21 12.93
CA GLN A 159 -1.99 4.91 13.49
C GLN A 159 -0.73 4.10 13.30
N LEU A 160 0.38 4.81 13.08
CA LEU A 160 1.65 4.13 12.87
C LEU A 160 2.10 3.46 14.19
N LEU A 161 2.78 2.33 14.06
CA LEU A 161 3.23 1.58 15.20
C LEU A 161 4.66 1.97 15.55
N THR A 162 4.77 3.12 16.19
CA THR A 162 6.03 3.73 16.61
C THR A 162 5.75 4.84 17.62
N ASP A 163 6.60 5.00 18.62
CA ASP A 163 6.46 6.09 19.57
C ASP A 163 7.02 7.39 19.00
N ASN A 164 7.78 7.35 17.88
CA ASN A 164 8.33 8.56 17.27
C ASN A 164 8.00 8.61 15.76
N PRO A 165 6.71 8.76 15.42
CA PRO A 165 6.32 8.82 14.01
C PRO A 165 6.84 10.10 13.33
N PRO A 166 7.06 10.10 12.00
CA PRO A 166 7.45 11.36 11.35
C PRO A 166 6.38 12.44 11.50
N ALA A 167 6.76 13.73 11.28
CA ALA A 167 5.79 14.83 11.30
C ALA A 167 4.73 14.54 10.24
N ARG A 168 5.18 14.15 9.03
N ARG A 168 5.19 14.12 9.05
CA ARG A 168 4.29 13.77 7.93
CA ARG A 168 4.34 13.74 7.92
C ARG A 168 4.92 12.61 7.17
C ARG A 168 4.95 12.58 7.19
N LEU A 169 4.11 11.63 6.73
CA LEU A 169 4.58 10.50 5.95
C LEU A 169 3.50 10.10 5.03
N GLU A 170 3.82 10.03 3.77
CA GLU A 170 2.87 9.63 2.75
C GLU A 170 3.29 8.29 2.26
N VAL A 171 2.43 7.31 2.45
CA VAL A 171 2.70 5.94 2.01
C VAL A 171 2.01 5.79 0.64
N ARG A 172 2.69 5.20 -0.32
CA ARG A 172 2.11 4.92 -1.62
C ARG A 172 2.12 3.41 -1.84
N GLY A 173 1.00 2.88 -2.31
CA GLY A 173 0.92 1.46 -2.57
C GLY A 173 -0.26 1.09 -3.45
N GLU A 174 -0.47 -0.20 -3.52
CA GLU A 174 -1.56 -0.77 -4.31
C GLU A 174 -2.57 -1.40 -3.40
N VAL A 175 -3.86 -1.08 -3.63
CA VAL A 175 -4.99 -1.73 -2.99
C VAL A 175 -5.48 -2.78 -4.00
N PHE A 176 -5.65 -4.01 -3.53
CA PHE A 176 -6.06 -5.13 -4.39
C PHE A 176 -6.93 -6.08 -3.57
N MET A 177 -7.55 -7.00 -4.25
CA MET A 177 -8.45 -7.98 -3.66
C MET A 177 -7.87 -9.35 -3.91
N PRO A 178 -7.47 -10.08 -2.85
CA PRO A 178 -6.97 -11.45 -3.08
C PRO A 178 -8.04 -12.37 -3.67
N HIS A 179 -7.59 -13.49 -4.24
CA HIS A 179 -8.44 -14.52 -4.89
C HIS A 179 -9.54 -15.05 -4.00
N ALA A 180 -9.23 -15.41 -2.75
CA ALA A 180 -10.27 -15.98 -1.87
C ALA A 180 -11.42 -15.02 -1.61
N GLY A 181 -11.11 -13.78 -1.27
CA GLY A 181 -12.09 -12.73 -1.07
C GLY A 181 -12.90 -12.43 -2.31
N PHE A 182 -12.24 -12.38 -3.49
CA PHE A 182 -12.88 -12.19 -4.77
C PHE A 182 -13.88 -13.33 -5.06
N GLU A 183 -13.46 -14.58 -4.87
CA GLU A 183 -14.38 -15.72 -5.07
C GLU A 183 -15.61 -15.64 -4.14
N ARG A 184 -15.40 -15.31 -2.85
CA ARG A 184 -16.49 -15.14 -1.87
C ARG A 184 -17.44 -14.02 -2.31
N LEU A 185 -16.88 -12.87 -2.71
CA LEU A 185 -17.68 -11.72 -3.16
C LEU A 185 -18.60 -12.07 -4.31
N ASN A 186 -18.09 -12.80 -5.30
CA ASN A 186 -18.89 -13.18 -6.45
C ASN A 186 -19.95 -14.24 -6.11
N LYS A 187 -19.63 -15.15 -5.17
CA LYS A 187 -20.57 -16.19 -4.71
C LYS A 187 -21.75 -15.48 -4.02
N TYR A 188 -21.43 -14.59 -3.05
CA TYR A 188 -22.42 -13.78 -2.32
C TYR A 188 -23.25 -12.92 -3.28
N ALA A 189 -22.61 -12.26 -4.25
CA ALA A 189 -23.32 -11.40 -5.19
C ALA A 189 -24.27 -12.19 -6.08
N LEU A 190 -23.87 -13.39 -6.52
CA LEU A 190 -24.72 -14.21 -7.37
C LEU A 190 -25.94 -14.73 -6.58
N GLU A 191 -25.73 -15.19 -5.33
CA GLU A 191 -26.78 -15.69 -4.42
C GLU A 191 -27.81 -14.61 -4.09
N HIS A 192 -27.34 -13.37 -3.89
CA HIS A 192 -28.17 -12.22 -3.52
C HIS A 192 -28.51 -11.37 -4.75
N ASN A 193 -28.82 -12.01 -5.90
CA ASN A 193 -29.18 -11.35 -7.17
C ASN A 193 -28.52 -9.97 -7.38
N GLU A 194 -27.21 -9.90 -7.12
CA GLU A 194 -26.40 -8.69 -7.27
C GLU A 194 -25.39 -8.92 -8.39
N LYS A 195 -24.77 -7.84 -8.84
CA LYS A 195 -23.81 -7.82 -9.94
C LYS A 195 -22.45 -8.43 -9.52
N THR A 196 -21.89 -9.34 -10.38
CA THR A 196 -20.59 -9.98 -10.17
C THR A 196 -19.49 -9.15 -10.82
N PHE A 197 -18.22 -9.40 -10.42
CA PHE A 197 -17.08 -8.71 -10.99
C PHE A 197 -16.30 -9.63 -11.86
N ALA A 198 -15.80 -9.14 -12.97
CA ALA A 198 -15.09 -9.93 -13.95
C ALA A 198 -13.73 -10.40 -13.45
N ASN A 199 -13.06 -9.57 -12.66
CA ASN A 199 -11.73 -9.92 -12.19
C ASN A 199 -11.42 -9.13 -10.90
N PRO A 200 -10.43 -9.57 -10.13
CA PRO A 200 -10.14 -8.87 -8.87
C PRO A 200 -9.78 -7.37 -9.00
N ARG A 201 -9.18 -6.94 -10.12
CA ARG A 201 -8.85 -5.51 -10.28
C ARG A 201 -10.12 -4.67 -10.34
N ASN A 202 -11.09 -5.13 -11.14
CA ASN A 202 -12.38 -4.47 -11.25
C ASN A 202 -13.09 -4.46 -9.90
N ALA A 203 -13.00 -5.55 -9.15
CA ALA A 203 -13.63 -5.65 -7.82
C ALA A 203 -13.02 -4.65 -6.86
N ALA A 204 -11.69 -4.46 -6.88
CA ALA A 204 -11.03 -3.49 -6.01
C ALA A 204 -11.34 -2.04 -6.42
N ALA A 205 -11.36 -1.74 -7.74
CA ALA A 205 -11.68 -0.41 -8.27
C ALA A 205 -13.08 0.02 -7.89
N GLY A 206 -14.04 -0.88 -8.10
CA GLY A 206 -15.44 -0.68 -7.75
C GLY A 206 -15.67 -0.47 -6.27
N SER A 207 -14.98 -1.25 -5.45
CA SER A 207 -15.08 -1.18 -3.99
C SER A 207 -14.56 0.16 -3.48
N LEU A 208 -13.45 0.66 -4.02
CA LEU A 208 -12.90 1.95 -3.62
C LEU A 208 -13.69 3.17 -4.15
N ARG A 209 -14.54 3.01 -5.21
CA ARG A 209 -15.37 4.12 -5.72
C ARG A 209 -16.78 4.10 -5.08
N GLN A 210 -16.98 3.19 -4.15
CA GLN A 210 -18.23 3.07 -3.40
C GLN A 210 -18.29 4.31 -2.49
N LEU A 211 -19.45 4.97 -2.39
CA LEU A 211 -19.60 6.18 -1.55
C LEU A 211 -19.90 5.81 -0.11
N ASP A 212 -20.57 4.67 0.14
CA ASP A 212 -20.91 4.23 1.48
C ASP A 212 -19.71 3.39 2.01
N PRO A 213 -18.94 3.87 3.02
CA PRO A 213 -17.86 3.02 3.56
C PRO A 213 -18.35 1.74 4.25
N ASN A 214 -19.66 1.67 4.59
CA ASN A 214 -20.24 0.45 5.14
C ASN A 214 -20.16 -0.67 4.08
N ILE A 215 -20.20 -0.31 2.79
CA ILE A 215 -20.12 -1.28 1.72
C ILE A 215 -18.66 -1.63 1.48
N THR A 216 -17.76 -0.63 1.47
CA THR A 216 -16.32 -0.92 1.29
C THR A 216 -15.81 -1.87 2.35
N SER A 217 -16.29 -1.71 3.60
CA SER A 217 -15.88 -2.58 4.72
C SER A 217 -16.16 -4.05 4.47
N LYS A 218 -17.26 -4.35 3.76
CA LYS A 218 -17.61 -5.73 3.43
C LYS A 218 -16.79 -6.28 2.23
N ARG A 219 -15.94 -5.46 1.60
CA ARG A 219 -15.11 -5.87 0.47
C ARG A 219 -13.72 -6.22 0.98
N PRO A 220 -13.21 -7.43 0.65
CA PRO A 220 -11.94 -7.88 1.21
C PRO A 220 -10.69 -7.28 0.53
N LEU A 221 -10.49 -6.00 0.72
CA LEU A 221 -9.35 -5.26 0.19
C LEU A 221 -8.13 -5.34 1.08
N VAL A 222 -6.95 -5.28 0.47
CA VAL A 222 -5.64 -5.32 1.11
C VAL A 222 -4.74 -4.24 0.50
N LEU A 223 -3.93 -3.58 1.33
CA LEU A 223 -2.87 -2.69 0.85
C LEU A 223 -1.54 -3.43 0.84
N ASN A 224 -0.72 -3.15 -0.15
CA ASN A 224 0.72 -3.46 -0.15
C ASN A 224 1.44 -2.16 -0.51
N ALA A 225 2.21 -1.58 0.43
CA ALA A 225 2.96 -0.33 0.18
C ALA A 225 4.19 -0.58 -0.69
N TYR A 226 4.42 0.29 -1.68
CA TYR A 226 5.55 0.12 -2.59
C TYR A 226 6.50 1.33 -2.62
N GLY A 227 6.14 2.41 -1.95
CA GLY A 227 6.99 3.58 -1.92
C GLY A 227 6.53 4.64 -0.96
N ILE A 228 7.29 5.74 -0.91
CA ILE A 228 7.00 6.87 -0.03
C ILE A 228 6.98 8.16 -0.88
N GLY A 229 6.03 9.04 -0.59
CA GLY A 229 5.91 10.36 -1.23
C GLY A 229 6.48 11.39 -0.29
N ILE A 230 5.66 12.25 0.30
CA ILE A 230 6.05 13.22 1.35
C ILE A 230 6.70 12.48 2.55
N ALA A 231 7.77 13.04 3.15
CA ALA A 231 8.32 12.51 4.38
C ALA A 231 9.02 13.65 5.12
N GLU A 232 8.39 14.21 6.17
CA GLU A 232 8.95 15.33 6.94
C GLU A 232 9.19 14.89 8.37
N GLY A 233 10.38 15.21 8.92
CA GLY A 233 10.75 14.84 10.27
C GLY A 233 11.25 13.42 10.43
N VAL A 234 11.97 12.92 9.42
CA VAL A 234 12.53 11.58 9.43
C VAL A 234 13.66 11.51 8.44
N ASP A 235 14.73 10.76 8.76
CA ASP A 235 15.80 10.50 7.82
C ASP A 235 15.48 9.16 7.19
N LEU A 236 14.84 9.21 6.01
CA LEU A 236 14.46 8.01 5.30
C LEU A 236 15.67 7.22 4.88
N PRO A 237 15.63 5.88 4.95
CA PRO A 237 16.75 5.10 4.38
C PRO A 237 17.10 5.54 2.95
N THR A 238 18.34 5.32 2.56
CA THR A 238 18.91 5.75 1.27
C THR A 238 18.80 4.71 0.17
N THR A 239 18.10 3.59 0.43
CA THR A 239 17.81 2.58 -0.57
C THR A 239 16.31 2.31 -0.50
N HIS A 240 15.74 1.93 -1.63
CA HIS A 240 14.33 1.65 -1.71
C HIS A 240 13.93 0.44 -0.83
N TYR A 241 14.66 -0.66 -0.94
CA TYR A 241 14.35 -1.82 -0.13
C TYR A 241 14.37 -1.51 1.38
N ALA A 242 15.34 -0.72 1.85
CA ALA A 242 15.39 -0.37 3.27
C ALA A 242 14.19 0.54 3.66
N ARG A 243 13.73 1.39 2.73
CA ARG A 243 12.55 2.21 3.01
C ARG A 243 11.33 1.29 3.23
N LEU A 244 11.21 0.23 2.42
CA LEU A 244 10.10 -0.70 2.59
C LEU A 244 10.21 -1.49 3.89
N GLN A 245 11.44 -1.90 4.27
CA GLN A 245 11.67 -2.63 5.53
C GLN A 245 11.28 -1.68 6.67
N TRP A 246 11.58 -0.39 6.50
CA TRP A 246 11.25 0.64 7.50
C TRP A 246 9.73 0.83 7.64
N LEU A 247 9.00 0.91 6.54
CA LEU A 247 7.54 1.00 6.58
C LEU A 247 6.95 -0.23 7.29
N LYS A 248 7.47 -1.41 6.99
CA LYS A 248 7.00 -2.65 7.66
C LYS A 248 7.23 -2.57 9.17
N SER A 249 8.40 -2.04 9.57
CA SER A 249 8.78 -1.94 10.97
C SER A 249 7.92 -0.95 11.79
N ILE A 250 7.20 -0.03 11.13
CA ILE A 250 6.29 0.91 11.77
C ILE A 250 4.83 0.67 11.47
N GLY A 251 4.48 -0.53 11.03
CA GLY A 251 3.08 -0.93 10.92
C GLY A 251 2.45 -1.05 9.56
N ILE A 252 3.20 -0.79 8.50
CA ILE A 252 2.66 -0.77 7.14
C ILE A 252 2.88 -2.09 6.43
N PRO A 253 1.83 -2.62 5.76
CA PRO A 253 1.98 -3.88 5.04
C PRO A 253 2.77 -3.73 3.75
N VAL A 254 3.68 -4.67 3.53
CA VAL A 254 4.56 -4.71 2.34
CA VAL A 254 4.54 -4.73 2.33
C VAL A 254 4.54 -6.13 1.80
N ASN A 255 4.65 -6.28 0.49
CA ASN A 255 4.66 -7.58 -0.15
C ASN A 255 5.92 -8.38 0.29
N PRO A 256 5.74 -9.66 0.70
CA PRO A 256 6.89 -10.45 1.16
C PRO A 256 7.76 -11.07 0.07
N GLU A 257 7.36 -10.96 -1.23
CA GLU A 257 8.13 -11.51 -2.34
C GLU A 257 9.19 -10.57 -2.87
N ILE A 258 9.33 -9.39 -2.28
CA ILE A 258 10.31 -8.42 -2.75
C ILE A 258 11.70 -8.96 -2.47
N ARG A 259 12.63 -8.79 -3.44
CA ARG A 259 14.00 -9.20 -3.31
C ARG A 259 14.95 -8.18 -3.95
N LEU A 260 16.21 -8.17 -3.50
CA LEU A 260 17.30 -7.43 -4.13
C LEU A 260 18.02 -8.35 -5.11
N CYS A 261 18.34 -7.83 -6.33
CA CYS A 261 19.05 -8.54 -7.40
C CYS A 261 20.15 -7.63 -7.94
N ASN A 262 21.31 -8.21 -8.25
CA ASN A 262 22.45 -7.44 -8.78
C ASN A 262 22.61 -7.72 -10.25
N GLY A 263 22.41 -6.70 -11.08
CA GLY A 263 22.55 -6.82 -12.52
C GLY A 263 21.35 -7.44 -13.21
N ALA A 264 21.25 -7.20 -14.52
CA ALA A 264 20.14 -7.66 -15.34
C ALA A 264 19.87 -9.19 -15.33
N ASP A 265 20.92 -10.02 -15.30
CA ASP A 265 20.72 -11.49 -15.33
C ASP A 265 20.02 -11.99 -14.06
N GLU A 266 20.43 -11.54 -12.87
CA GLU A 266 19.76 -11.93 -11.63
C GLU A 266 18.30 -11.41 -11.64
N VAL A 267 18.10 -10.19 -12.16
CA VAL A 267 16.75 -9.60 -12.25
C VAL A 267 15.86 -10.47 -13.13
N LEU A 268 16.36 -10.96 -14.28
CA LEU A 268 15.56 -11.85 -15.14
C LEU A 268 15.25 -13.19 -14.46
N GLY A 269 16.12 -13.66 -13.56
CA GLY A 269 15.86 -14.87 -12.78
C GLY A 269 14.71 -14.63 -11.79
N PHE A 270 14.68 -13.45 -11.16
CA PHE A 270 13.55 -13.03 -10.28
C PHE A 270 12.27 -13.00 -11.10
N TYR A 271 12.31 -12.36 -12.27
CA TYR A 271 11.16 -12.33 -13.17
C TYR A 271 10.63 -13.75 -13.50
N ARG A 272 11.52 -14.72 -13.82
CA ARG A 272 11.12 -16.09 -14.15
C ARG A 272 10.57 -16.81 -12.91
N ASP A 273 11.21 -16.62 -11.75
CA ASP A 273 10.75 -17.21 -10.47
C ASP A 273 9.34 -16.74 -10.11
N ILE A 274 9.05 -15.44 -10.22
CA ILE A 274 7.73 -14.88 -9.95
C ILE A 274 6.74 -15.35 -11.02
N GLN A 275 7.15 -15.38 -12.28
CA GLN A 275 6.30 -15.88 -13.36
C GLN A 275 5.84 -17.34 -13.08
N ASN A 276 6.73 -18.17 -12.51
CA ASN A 276 6.42 -19.56 -12.17
C ASN A 276 5.50 -19.63 -10.93
N LYS A 277 5.69 -18.74 -9.94
CA LYS A 277 4.86 -18.67 -8.73
C LYS A 277 3.47 -18.07 -8.98
N ARG A 278 3.21 -17.37 -10.11
CA ARG A 278 1.91 -16.75 -10.41
C ARG A 278 0.72 -17.59 -9.92
N SER A 279 0.71 -18.86 -10.33
CA SER A 279 -0.32 -19.86 -9.99
C SER A 279 -0.53 -20.07 -8.48
N SER A 280 0.55 -19.94 -7.69
CA SER A 280 0.52 -20.17 -6.25
C SER A 280 0.33 -18.93 -5.34
N LEU A 281 0.34 -17.69 -5.88
CA LEU A 281 0.33 -16.51 -5.01
C LEU A 281 -0.98 -16.23 -4.24
N GLY A 282 -2.14 -16.51 -4.79
CA GLY A 282 -3.39 -16.17 -4.07
C GLY A 282 -3.89 -14.77 -4.34
N TYR A 283 -3.22 -14.02 -5.24
CA TYR A 283 -3.65 -12.71 -5.71
C TYR A 283 -3.10 -12.54 -7.12
N ASP A 284 -3.67 -11.62 -7.89
CA ASP A 284 -3.24 -11.39 -9.26
C ASP A 284 -2.07 -10.42 -9.40
N ILE A 285 -1.09 -10.79 -10.21
CA ILE A 285 0.01 -9.93 -10.58
C ILE A 285 0.10 -9.89 -12.12
N ASP A 286 0.62 -8.79 -12.65
CA ASP A 286 0.74 -8.45 -14.07
C ASP A 286 2.11 -8.71 -14.65
N GLY A 287 3.09 -8.77 -13.77
CA GLY A 287 4.50 -8.85 -14.13
C GLY A 287 5.31 -8.53 -12.89
N THR A 288 6.47 -7.88 -13.08
CA THR A 288 7.35 -7.47 -11.99
C THR A 288 7.72 -6.02 -12.18
N VAL A 289 7.88 -5.26 -11.07
CA VAL A 289 8.35 -3.87 -11.08
C VAL A 289 9.80 -3.96 -10.62
N LEU A 290 10.73 -3.52 -11.48
CA LEU A 290 12.17 -3.59 -11.26
C LEU A 290 12.65 -2.17 -11.05
N LYS A 291 13.19 -1.90 -9.88
CA LYS A 291 13.55 -0.52 -9.51
C LYS A 291 14.98 -0.41 -9.17
N ILE A 292 15.65 0.70 -9.59
CA ILE A 292 17.04 0.95 -9.16
C ILE A 292 16.95 1.14 -7.63
N ASN A 293 17.72 0.37 -6.87
CA ASN A 293 17.59 0.39 -5.42
C ASN A 293 18.13 1.65 -4.76
N ASP A 294 19.24 2.17 -5.29
CA ASP A 294 19.86 3.36 -4.71
C ASP A 294 19.04 4.60 -4.96
N ILE A 295 18.66 5.27 -3.89
CA ILE A 295 17.84 6.46 -3.98
C ILE A 295 18.55 7.62 -4.68
N ALA A 296 19.87 7.82 -4.43
CA ALA A 296 20.59 8.90 -5.09
C ALA A 296 20.59 8.66 -6.61
N LEU A 297 20.79 7.41 -7.05
CA LEU A 297 20.71 7.04 -8.47
C LEU A 297 19.30 7.24 -9.04
N GLN A 298 18.23 7.02 -8.24
CA GLN A 298 16.85 7.30 -8.69
C GLN A 298 16.72 8.81 -8.94
N ASN A 299 17.21 9.62 -7.98
CA ASN A 299 17.14 11.09 -8.07
C ASN A 299 17.89 11.64 -9.28
N GLU A 300 19.05 11.06 -9.59
CA GLU A 300 19.89 11.43 -10.73
C GLU A 300 19.14 11.10 -12.03
N LEU A 301 18.60 9.88 -12.12
CA LEU A 301 17.86 9.42 -13.29
C LEU A 301 16.56 10.19 -13.55
N GLY A 302 15.86 10.60 -12.50
CA GLY A 302 14.63 11.36 -12.59
C GLY A 302 13.43 10.65 -13.23
N PHE A 303 12.44 11.44 -13.65
CA PHE A 303 11.23 10.92 -14.29
C PHE A 303 10.86 11.72 -15.55
N ILE A 304 9.96 11.17 -16.35
CA ILE A 304 9.46 11.82 -17.58
C ILE A 304 7.98 11.96 -17.55
N SER A 305 7.45 13.12 -17.97
CA SER A 305 5.99 13.33 -18.08
C SER A 305 5.59 13.50 -19.54
N LYS A 306 4.40 12.98 -19.91
CA LYS A 306 3.83 12.99 -21.27
C LYS A 306 4.89 12.97 -22.37
N ALA A 307 5.59 11.83 -22.56
CA ALA A 307 6.65 11.73 -23.55
C ALA A 307 6.41 10.55 -24.49
N PRO A 308 6.60 10.75 -25.80
CA PRO A 308 6.41 9.66 -26.73
C PRO A 308 7.50 8.60 -26.63
N ARG A 309 7.12 7.34 -26.87
CA ARG A 309 8.11 6.28 -26.92
C ARG A 309 8.78 6.31 -28.29
N TRP A 310 8.18 7.02 -29.26
CA TRP A 310 8.63 7.10 -30.66
C TRP A 310 9.56 8.29 -30.99
N ALA A 311 9.98 9.05 -30.00
CA ALA A 311 10.90 10.17 -30.23
C ALA A 311 11.80 10.39 -29.06
N ILE A 312 12.97 10.99 -29.32
CA ILE A 312 13.92 11.35 -28.31
C ILE A 312 14.67 12.61 -28.75
N ALA A 313 15.05 13.42 -27.77
CA ALA A 313 15.87 14.60 -27.96
C ALA A 313 17.32 14.23 -27.61
N TYR A 314 18.17 14.06 -28.62
CA TYR A 314 19.59 13.81 -28.34
C TYR A 314 20.18 15.21 -28.14
N LYS A 315 20.47 15.55 -26.88
CA LYS A 315 21.01 16.86 -26.52
C LYS A 315 22.50 16.97 -26.80
N PHE A 316 22.97 18.18 -27.15
CA PHE A 316 24.40 18.40 -27.41
C PHE A 316 25.11 18.50 -26.09
N PRO A 317 26.34 17.97 -25.96
CA PRO A 317 27.06 18.06 -24.67
C PRO A 317 27.45 19.47 -24.23
#